data_7D6L
#
_entry.id   7D6L
#
_cell.length_a   101.887
_cell.length_b   57.819
_cell.length_c   36.152
_cell.angle_alpha   90.000
_cell.angle_beta   94.780
_cell.angle_gamma   90.000
#
_symmetry.space_group_name_H-M   'C 1 2 1'
#
loop_
_entity.id
_entity.type
_entity.pdbx_description
1 polymer 'Thioredoxin 2'
2 non-polymer 'ZINC ION'
3 water water
#
_entity_poly.entity_id   1
_entity_poly.type   'polypeptide(L)'
_entity_poly.pdbx_seq_one_letter_code
;MHHHHHHSDILTCTHCQAKNRVGAVPAGQVPSCARCGAALPWLHDGTDATFEQDLQTSVPVLVDFWAPWCGPCRVMGPVL
EDLARDLPGKVRVVKVNVDENPRTAARFEVRSIPTLLMFKDGEEVDQMVGVTQKAALRARVEHLNQLS
;
_entity_poly.pdbx_strand_id   A
#
# COMPACT_ATOMS: atom_id res chain seq x y z
N HIS A 7 -12.54 5.93 -7.94
CA HIS A 7 -11.13 5.85 -8.31
C HIS A 7 -10.72 4.39 -8.51
N SER A 8 -10.03 4.10 -9.61
CA SER A 8 -9.63 2.74 -9.95
C SER A 8 -8.18 2.74 -10.45
N ASP A 9 -7.54 1.58 -10.34
CA ASP A 9 -6.16 1.39 -10.76
C ASP A 9 -6.05 0.02 -11.41
N ILE A 10 -5.10 -0.11 -12.34
CA ILE A 10 -4.78 -1.40 -12.93
C ILE A 10 -3.83 -2.16 -12.01
N LEU A 11 -4.25 -3.35 -11.59
CA LEU A 11 -3.42 -4.34 -10.92
C LEU A 11 -3.15 -5.44 -11.92
N THR A 12 -1.88 -5.78 -12.11
CA THR A 12 -1.51 -6.80 -13.09
C THR A 12 -1.28 -8.13 -12.40
N CYS A 13 -1.94 -9.17 -12.91
CA CYS A 13 -1.87 -10.49 -12.29
C CYS A 13 -0.46 -11.06 -12.49
N THR A 14 0.14 -11.55 -11.42
CA THR A 14 1.50 -12.07 -11.51
C THR A 14 1.52 -13.38 -12.28
N HIS A 15 0.38 -14.08 -12.30
CA HIS A 15 0.36 -15.44 -12.81
C HIS A 15 -0.01 -15.49 -14.29
N CYS A 16 -1.07 -14.78 -14.70
CA CYS A 16 -1.50 -14.88 -16.10
C CYS A 16 -1.33 -13.60 -16.89
N GLN A 17 -0.83 -12.53 -16.25
CA GLN A 17 -0.57 -11.22 -16.84
C GLN A 17 -1.81 -10.38 -17.07
N ALA A 18 -2.99 -10.86 -16.70
CA ALA A 18 -4.19 -10.08 -16.96
C ALA A 18 -4.13 -8.73 -16.22
N LYS A 19 -4.46 -7.66 -16.96
CA LYS A 19 -4.70 -6.36 -16.38
C LYS A 19 -6.09 -6.33 -15.75
N ASN A 20 -6.16 -5.95 -14.47
CA ASN A 20 -7.39 -5.96 -13.69
C ASN A 20 -7.62 -4.55 -13.17
N ARG A 21 -8.68 -3.89 -13.64
CA ARG A 21 -9.04 -2.57 -13.15
C ARG A 21 -9.81 -2.73 -11.85
N VAL A 22 -9.23 -2.27 -10.73
CA VAL A 22 -9.78 -2.49 -9.41
C VAL A 22 -9.89 -1.14 -8.70
N GLY A 23 -11.04 -0.87 -8.11
CA GLY A 23 -11.21 0.33 -7.30
C GLY A 23 -11.49 -0.01 -5.85
N ALA A 24 -12.70 0.32 -5.39
CA ALA A 24 -13.10 -0.03 -4.03
C ALA A 24 -13.24 -1.54 -3.92
N VAL A 25 -12.85 -2.07 -2.76
CA VAL A 25 -12.87 -3.50 -2.49
C VAL A 25 -13.76 -3.72 -1.27
N PRO A 26 -14.80 -4.55 -1.37
CA PRO A 26 -15.63 -4.84 -0.18
C PRO A 26 -14.77 -5.40 0.94
N ALA A 27 -14.98 -4.88 2.15
CA ALA A 27 -14.22 -5.34 3.30
C ALA A 27 -14.43 -6.84 3.51
N GLY A 28 -13.38 -7.50 4.03
CA GLY A 28 -13.35 -8.94 4.11
C GLY A 28 -12.79 -9.64 2.88
N GLN A 29 -12.73 -8.96 1.74
CA GLN A 29 -12.24 -9.52 0.50
C GLN A 29 -10.93 -8.85 0.09
N VAL A 30 -10.18 -9.53 -0.78
CA VAL A 30 -8.99 -8.91 -1.35
C VAL A 30 -9.07 -9.02 -2.87
N PRO A 31 -8.47 -8.11 -3.63
CA PRO A 31 -8.60 -8.18 -5.09
C PRO A 31 -8.03 -9.49 -5.61
N SER A 32 -8.77 -10.10 -6.54
CA SER A 32 -8.27 -11.28 -7.22
C SER A 32 -8.44 -11.15 -8.74
N CYS A 33 -7.58 -11.85 -9.49
CA CYS A 33 -7.61 -11.80 -10.95
C CYS A 33 -8.91 -12.40 -11.48
N ALA A 34 -9.58 -11.66 -12.36
CA ALA A 34 -10.87 -12.10 -12.91
C ALA A 34 -10.68 -13.17 -13.98
N ARG A 35 -9.48 -13.36 -14.50
CA ARG A 35 -9.25 -14.36 -15.53
C ARG A 35 -8.86 -15.70 -14.90
N CYS A 36 -7.94 -15.67 -13.96
CA CYS A 36 -7.40 -16.92 -13.40
C CYS A 36 -7.70 -17.12 -11.93
N GLY A 37 -8.20 -16.09 -11.21
CA GLY A 37 -8.54 -16.25 -9.80
C GLY A 37 -7.44 -15.94 -8.79
N ALA A 38 -6.19 -15.78 -9.22
CA ALA A 38 -5.10 -15.59 -8.26
C ALA A 38 -5.24 -14.23 -7.53
N ALA A 39 -4.83 -14.18 -6.27
CA ALA A 39 -4.77 -12.90 -5.56
C ALA A 39 -3.83 -11.95 -6.28
N LEU A 40 -4.23 -10.69 -6.38
CA LEU A 40 -3.45 -9.68 -7.07
C LEU A 40 -2.48 -8.97 -6.10
N PRO A 41 -1.32 -8.50 -6.65
CA PRO A 41 -0.49 -7.51 -5.92
C PRO A 41 -1.25 -6.23 -5.71
N TRP A 42 -1.59 -5.95 -4.46
CA TRP A 42 -2.54 -4.90 -4.17
C TRP A 42 -1.77 -3.62 -3.87
N LEU A 43 -1.42 -2.91 -4.93
CA LEU A 43 -0.66 -1.66 -4.77
C LEU A 43 -1.27 -0.62 -5.69
N HIS A 44 -1.56 0.56 -5.15
CA HIS A 44 -2.27 1.56 -5.95
C HIS A 44 -2.09 2.95 -5.33
N ASP A 45 -2.53 3.97 -6.06
CA ASP A 45 -2.51 5.35 -5.56
C ASP A 45 -3.69 5.60 -4.65
N GLY A 46 -3.46 6.41 -3.63
CA GLY A 46 -4.52 6.84 -2.73
C GLY A 46 -4.57 8.36 -2.72
N THR A 47 -5.77 8.90 -2.51
CA THR A 47 -5.98 10.35 -2.47
C THR A 47 -6.62 10.78 -1.16
N ASP A 48 -6.60 12.10 -0.91
CA ASP A 48 -7.36 12.65 0.19
C ASP A 48 -8.80 12.13 0.15
N ALA A 49 -9.37 12.02 -1.05
CA ALA A 49 -10.76 11.61 -1.18
C ALA A 49 -10.96 10.14 -0.81
N THR A 50 -10.02 9.26 -1.17
CA THR A 50 -10.18 7.80 -1.02
C THR A 50 -9.54 7.23 0.25
N PHE A 51 -8.80 8.03 0.99
CA PHE A 51 -7.94 7.47 2.04
C PHE A 51 -8.76 6.71 3.09
N GLU A 52 -9.88 7.28 3.52
CA GLU A 52 -10.65 6.60 4.58
C GLU A 52 -11.13 5.25 4.09
N GLN A 53 -11.53 5.15 2.83
CA GLN A 53 -11.95 3.87 2.28
C GLN A 53 -10.76 2.92 2.13
N ASP A 54 -9.60 3.43 1.69
CA ASP A 54 -8.40 2.59 1.58
C ASP A 54 -8.04 1.91 2.89
N LEU A 55 -8.35 2.53 4.03
CA LEU A 55 -8.07 1.94 5.32
C LEU A 55 -9.07 0.87 5.75
N GLN A 56 -10.22 0.76 5.07
CA GLN A 56 -11.28 -0.16 5.50
C GLN A 56 -11.05 -1.55 4.87
N THR A 57 -9.99 -2.21 5.32
CA THR A 57 -9.73 -3.59 4.98
C THR A 57 -9.20 -4.26 6.23
N SER A 58 -9.11 -5.58 6.18
CA SER A 58 -8.56 -6.38 7.26
C SER A 58 -7.05 -6.56 7.16
N VAL A 59 -6.50 -6.57 5.95
CA VAL A 59 -5.08 -6.86 5.76
C VAL A 59 -4.29 -5.62 6.19
N PRO A 60 -3.01 -5.77 6.53
CA PRO A 60 -2.20 -4.59 6.90
C PRO A 60 -2.17 -3.60 5.76
N VAL A 61 -2.29 -2.31 6.06
CA VAL A 61 -2.28 -1.28 5.03
C VAL A 61 -0.99 -0.48 5.19
N LEU A 62 -0.21 -0.43 4.13
CA LEU A 62 1.08 0.22 4.15
C LEU A 62 0.92 1.49 3.32
N VAL A 63 0.97 2.65 3.97
CA VAL A 63 0.74 3.94 3.31
C VAL A 63 2.10 4.59 3.10
N ASP A 64 2.44 4.85 1.83
CA ASP A 64 3.76 5.32 1.41
C ASP A 64 3.60 6.79 0.98
N PHE A 65 4.06 7.71 1.83
CA PHE A 65 4.05 9.14 1.49
C PHE A 65 5.31 9.46 0.71
N TRP A 66 5.14 9.86 -0.54
CA TRP A 66 6.26 10.05 -1.44
C TRP A 66 6.08 11.34 -2.24
N ALA A 67 7.12 11.71 -2.98
CA ALA A 67 7.05 12.89 -3.82
C ALA A 67 8.01 12.72 -4.98
N PRO A 68 7.71 13.29 -6.15
CA PRO A 68 8.65 13.23 -7.27
C PRO A 68 10.07 13.68 -6.96
N TRP A 69 10.22 14.74 -6.18
CA TRP A 69 11.55 15.31 -5.94
C TRP A 69 12.38 14.50 -4.94
N CYS A 70 11.77 13.56 -4.22
CA CYS A 70 12.43 12.84 -3.13
C CYS A 70 13.32 11.73 -3.68
N GLY A 71 14.63 11.82 -3.41
CA GLY A 71 15.59 10.87 -3.92
C GLY A 71 15.33 9.43 -3.48
N PRO A 72 15.33 9.19 -2.16
CA PRO A 72 15.07 7.82 -1.67
C PRO A 72 13.73 7.23 -2.12
N CYS A 73 12.74 8.04 -2.51
CA CYS A 73 11.47 7.48 -3.01
C CYS A 73 11.67 6.68 -4.30
N ARG A 74 12.63 7.08 -5.13
CA ARG A 74 12.90 6.38 -6.37
C ARG A 74 13.43 4.96 -6.12
N VAL A 75 14.03 4.75 -4.95
CA VAL A 75 14.53 3.47 -4.47
C VAL A 75 13.42 2.67 -3.77
N MET A 76 12.58 3.38 -3.01
CA MET A 76 11.56 2.71 -2.22
C MET A 76 10.39 2.23 -3.07
N GLY A 77 10.08 2.92 -4.18
CA GLY A 77 9.05 2.46 -5.09
C GLY A 77 9.16 1.00 -5.50
N PRO A 78 10.31 0.63 -6.12
CA PRO A 78 10.48 -0.77 -6.54
C PRO A 78 10.40 -1.77 -5.40
N VAL A 79 10.89 -1.41 -4.21
CA VAL A 79 10.83 -2.29 -3.05
C VAL A 79 9.38 -2.60 -2.68
N LEU A 80 8.54 -1.57 -2.65
CA LEU A 80 7.12 -1.76 -2.32
C LEU A 80 6.43 -2.57 -3.39
N GLU A 81 6.82 -2.35 -4.65
CA GLU A 81 6.27 -3.14 -5.75
C GLU A 81 6.60 -4.63 -5.56
N ASP A 82 7.85 -4.93 -5.21
CA ASP A 82 8.22 -6.33 -4.94
C ASP A 82 7.49 -6.86 -3.71
N LEU A 83 7.30 -6.02 -2.69
CA LEU A 83 6.63 -6.49 -1.48
C LEU A 83 5.21 -6.94 -1.81
N ALA A 84 4.48 -6.12 -2.55
CA ALA A 84 3.10 -6.46 -2.88
C ALA A 84 3.01 -7.70 -3.76
N ARG A 85 3.96 -7.83 -4.71
CA ARG A 85 4.04 -9.05 -5.54
C ARG A 85 4.33 -10.30 -4.71
N ASP A 86 5.23 -10.19 -3.72
CA ASP A 86 5.61 -11.35 -2.91
C ASP A 86 4.55 -11.71 -1.88
N LEU A 87 3.66 -10.77 -1.51
CA LEU A 87 2.64 -11.00 -0.49
C LEU A 87 1.27 -10.66 -1.06
N PRO A 88 0.88 -11.25 -2.20
CA PRO A 88 -0.32 -10.81 -2.88
C PRO A 88 -1.53 -11.08 -2.00
N GLY A 89 -2.36 -10.06 -1.84
CA GLY A 89 -3.51 -10.13 -0.96
C GLY A 89 -3.21 -10.18 0.52
N LYS A 90 -1.97 -10.11 0.95
CA LYS A 90 -1.69 -10.09 2.39
C LYS A 90 -1.26 -8.69 2.85
N VAL A 91 -1.24 -7.72 1.94
CA VAL A 91 -0.90 -6.33 2.29
C VAL A 91 -1.55 -5.44 1.25
N ARG A 92 -1.92 -4.23 1.64
CA ARG A 92 -2.44 -3.26 0.69
C ARG A 92 -1.44 -2.11 0.74
N VAL A 93 -0.83 -1.79 -0.40
CA VAL A 93 0.14 -0.71 -0.43
C VAL A 93 -0.56 0.50 -1.06
N VAL A 94 -0.63 1.60 -0.32
CA VAL A 94 -1.35 2.77 -0.81
C VAL A 94 -0.33 3.90 -0.96
N LYS A 95 -0.08 4.32 -2.19
CA LYS A 95 0.89 5.37 -2.48
C LYS A 95 0.20 6.74 -2.44
N VAL A 96 0.73 7.64 -1.64
CA VAL A 96 0.12 8.96 -1.42
C VAL A 96 1.16 10.01 -1.83
N ASN A 97 0.98 10.57 -3.02
CA ASN A 97 1.80 11.66 -3.52
C ASN A 97 1.48 12.91 -2.68
N VAL A 98 2.41 13.33 -1.82
CA VAL A 98 2.14 14.47 -0.93
C VAL A 98 1.95 15.76 -1.72
N ASP A 99 2.57 15.86 -2.90
CA ASP A 99 2.36 17.06 -3.73
C ASP A 99 0.90 17.25 -4.05
N GLU A 100 0.14 16.16 -4.13
CA GLU A 100 -1.26 16.21 -4.55
C GLU A 100 -2.26 15.93 -3.43
N ASN A 101 -1.82 15.55 -2.23
CA ASN A 101 -2.71 15.13 -1.14
C ASN A 101 -2.25 15.75 0.17
N PRO A 102 -2.38 17.07 0.27
CA PRO A 102 -1.87 17.77 1.47
C PRO A 102 -2.69 17.51 2.73
N ARG A 103 -3.98 17.26 2.62
CA ARG A 103 -4.77 17.01 3.83
C ARG A 103 -4.31 15.76 4.55
N THR A 104 -4.11 14.65 3.84
CA THR A 104 -3.68 13.43 4.51
C THR A 104 -2.24 13.56 5.03
N ALA A 105 -1.35 14.21 4.27
CA ALA A 105 0.00 14.41 4.77
C ALA A 105 -0.01 15.21 6.07
N ALA A 106 -0.79 16.28 6.12
CA ALA A 106 -0.90 17.10 7.32
C ALA A 106 -1.53 16.31 8.47
N ARG A 107 -2.55 15.52 8.14
CA ARG A 107 -3.26 14.73 9.16
C ARG A 107 -2.32 13.82 9.93
N PHE A 108 -1.37 13.19 9.25
CA PHE A 108 -0.41 12.33 9.94
C PHE A 108 0.92 13.02 10.22
N GLU A 109 0.96 14.35 10.18
CA GLU A 109 2.11 15.12 10.61
C GLU A 109 3.38 14.65 9.89
N VAL A 110 3.26 14.44 8.59
CA VAL A 110 4.41 14.00 7.80
C VAL A 110 5.41 15.15 7.73
N ARG A 111 6.68 14.82 7.96
CA ARG A 111 7.80 15.74 7.99
C ARG A 111 8.93 15.32 7.08
N SER A 112 9.26 14.03 7.03
CA SER A 112 10.25 13.49 6.12
C SER A 112 9.56 12.79 4.96
N ILE A 113 10.21 12.83 3.81
CA ILE A 113 9.82 12.08 2.63
C ILE A 113 10.99 11.17 2.28
N PRO A 114 10.78 9.84 2.12
CA PRO A 114 9.50 9.12 2.29
C PRO A 114 9.15 8.88 3.72
N THR A 115 7.85 8.75 3.98
CA THR A 115 7.41 8.25 5.28
C THR A 115 6.49 7.07 4.99
N LEU A 116 6.73 5.93 5.64
CA LEU A 116 5.84 4.77 5.53
C LEU A 116 5.09 4.57 6.85
N LEU A 117 3.77 4.54 6.80
CA LEU A 117 2.95 4.24 7.97
C LEU A 117 2.26 2.92 7.76
N MET A 118 2.13 2.13 8.82
CA MET A 118 1.44 0.86 8.72
C MET A 118 0.22 0.95 9.61
N PHE A 119 -0.94 0.57 9.04
CA PHE A 119 -2.24 0.56 9.69
C PHE A 119 -2.79 -0.85 9.77
N LYS A 120 -3.58 -1.06 10.82
CA LYS A 120 -4.25 -2.32 11.03
C LYS A 120 -5.63 -2.00 11.60
N ASP A 121 -6.68 -2.33 10.86
CA ASP A 121 -8.05 -2.04 11.28
C ASP A 121 -8.26 -0.53 11.51
N GLY A 122 -7.65 0.29 10.67
CA GLY A 122 -7.83 1.73 10.75
C GLY A 122 -6.91 2.47 11.71
N GLU A 123 -6.07 1.76 12.47
CA GLU A 123 -5.22 2.39 13.47
C GLU A 123 -3.76 2.33 13.06
N GLU A 124 -3.03 3.43 13.27
CA GLU A 124 -1.61 3.44 12.95
C GLU A 124 -0.87 2.55 13.93
N VAL A 125 -0.13 1.58 13.42
CA VAL A 125 0.58 0.63 14.26
C VAL A 125 2.08 0.67 14.02
N ASP A 126 2.54 1.34 12.97
CA ASP A 126 3.98 1.41 12.77
C ASP A 126 4.29 2.64 11.93
N GLN A 127 5.54 3.07 11.99
CA GLN A 127 6.00 4.24 11.25
C GLN A 127 7.49 4.08 10.96
N MET A 128 7.87 4.32 9.70
CA MET A 128 9.23 4.12 9.24
C MET A 128 9.59 5.29 8.36
N VAL A 129 10.58 6.05 8.81
CA VAL A 129 11.08 7.22 8.10
C VAL A 129 12.32 6.81 7.32
N GLY A 130 12.40 7.26 6.06
CA GLY A 130 13.55 6.98 5.23
C GLY A 130 13.49 5.62 4.59
N VAL A 131 14.60 5.24 3.97
CA VAL A 131 14.66 3.96 3.29
C VAL A 131 14.67 2.84 4.32
N THR A 132 13.88 1.80 4.07
CA THR A 132 13.74 0.62 4.91
C THR A 132 14.01 -0.62 4.06
N GLN A 133 14.74 -1.58 4.62
CA GLN A 133 15.02 -2.80 3.87
C GLN A 133 13.74 -3.60 3.62
N LYS A 134 13.67 -4.25 2.46
CA LYS A 134 12.46 -4.99 2.14
C LYS A 134 12.22 -6.15 3.10
N ALA A 135 13.28 -6.80 3.60
CA ALA A 135 13.09 -7.92 4.51
C ALA A 135 12.43 -7.47 5.82
N ALA A 136 12.83 -6.30 6.34
CA ALA A 136 12.19 -5.79 7.56
C ALA A 136 10.71 -5.50 7.33
N LEU A 137 10.38 -4.95 6.16
CA LEU A 137 8.99 -4.69 5.81
C LEU A 137 8.19 -5.98 5.73
N ARG A 138 8.73 -6.97 5.01
CA ARG A 138 8.08 -8.26 4.91
C ARG A 138 7.84 -8.87 6.30
N ALA A 139 8.83 -8.75 7.19
CA ALA A 139 8.68 -9.35 8.52
C ALA A 139 7.59 -8.64 9.31
N ARG A 140 7.53 -7.31 9.21
CA ARG A 140 6.47 -6.62 9.94
C ARG A 140 5.10 -6.94 9.35
N VAL A 141 5.02 -7.15 8.04
CA VAL A 141 3.72 -7.44 7.45
C VAL A 141 3.24 -8.85 7.83
N GLU A 142 4.14 -9.83 7.81
CA GLU A 142 3.71 -11.18 8.18
C GLU A 142 3.34 -11.24 9.67
N HIS A 143 4.14 -10.56 10.50
CA HIS A 143 3.83 -10.34 11.90
C HIS A 143 2.40 -9.83 12.07
N LEU A 144 2.06 -8.72 11.39
CA LEU A 144 0.69 -8.19 11.49
C LEU A 144 -0.35 -9.16 10.98
N ASN A 145 0.01 -9.97 9.98
CA ASN A 145 -0.92 -10.98 9.49
C ASN A 145 -1.22 -12.04 10.53
N GLN A 146 -0.41 -12.16 11.59
CA GLN A 146 -0.82 -13.04 12.69
C GLN A 146 -2.19 -12.65 13.26
N LEU A 147 -2.53 -11.37 13.08
CA LEU A 147 -3.81 -10.69 13.22
C LEU A 147 -3.86 -10.19 14.63
N SER A 148 -3.01 -9.20 14.91
CA SER A 148 -2.89 -8.67 16.24
C SER A 148 -2.42 -7.25 16.10
#